data_7N7L
#
_entry.id   7N7L
#
_cell.length_a   136.280
_cell.length_b   136.280
_cell.length_c   95.444
_cell.angle_alpha   90.000
_cell.angle_beta   90.000
_cell.angle_gamma   120.000
#
_symmetry.space_group_name_H-M   'P 61 2 2'
#
loop_
_entity.id
_entity.type
_entity.pdbx_description
1 polymer 'Phosphatidylinositol 5-phosphate 4-kinase type-2 alpha'
2 non-polymer (7R)-2-[(3,5-difluoro-4-hydroxyphenyl)amino]-5,7-dimethyl-8-(3-methylbutyl)-7,8-dihydropteridin-6(5H)-one
3 non-polymer 'SULFATE ION'
4 water water
#
_entity_poly.entity_id   1
_entity_poly.type   'polypeptide(L)'
_entity_poly.pdbx_seq_one_letter_code
;GSHMASDPLLSVLMWGVNHSINELSHVQIPVMLMPDDFKAYSKIKVDNHLFNKENMPSHFKFKEYCPMVFRNLRERFGID
DQDFQNSLTRSAPLPNDSQARSGARFHTSYDKRYIIKTITSEDVAEMHNILKKYHQYIVECHGITLLPQFLGMYRLNVDG
VEIYVIVTRNVFSHRLSVYRKYDLKGSTVAREASDKEKAKELPTLKDNDFINEGQKIYIDDNNKKVFLEKLKKDVEFLAQ
LKLMDYSLLVGIHDVERAEQEEVECEENDGEEEGESDGTHPVGTPPDSPGNTLNSSPPLAPGEFDPNIDVYGIKCHENSP
RKEVYFMAIIDILTHYDAKKKAAHAAKTVKHGAGAEISTVNPEQYSKRFLDFIGHIL
;
_entity_poly.pdbx_strand_id   A
#
# COMPACT_ATOMS: atom_id res chain seq x y z
N SER A 6 -2.69 21.82 -10.43
CA SER A 6 -3.67 22.81 -9.87
C SER A 6 -4.48 22.21 -8.71
N ASP A 7 -4.09 21.02 -8.27
CA ASP A 7 -4.38 20.56 -6.90
C ASP A 7 -3.11 20.89 -6.11
N PRO A 8 -3.15 21.98 -5.33
CA PRO A 8 -1.92 22.45 -4.69
C PRO A 8 -1.29 21.43 -3.75
N LEU A 9 -2.11 20.65 -3.03
CA LEU A 9 -1.59 19.67 -2.07
C LEU A 9 -0.80 18.58 -2.76
N LEU A 10 -1.30 18.15 -3.91
CA LEU A 10 -0.59 17.22 -4.78
C LEU A 10 0.76 17.73 -5.26
N SER A 11 0.82 19.03 -5.60
CA SER A 11 2.07 19.57 -6.14
C SER A 11 3.07 19.77 -5.04
N VAL A 12 2.59 20.09 -3.84
CA VAL A 12 3.47 20.11 -2.66
C VAL A 12 4.03 18.71 -2.39
N LEU A 13 3.19 17.69 -2.48
CA LEU A 13 3.64 16.31 -2.37
C LEU A 13 4.72 15.94 -3.41
N MET A 14 4.50 16.28 -4.67
CA MET A 14 5.50 15.94 -5.71
C MET A 14 6.78 16.71 -5.48
N TRP A 15 6.61 18.01 -5.20
CA TRP A 15 7.72 18.87 -4.86
C TRP A 15 8.48 18.26 -3.69
N GLY A 16 7.72 17.89 -2.64
CA GLY A 16 8.26 17.28 -1.44
C GLY A 16 9.01 15.97 -1.64
N VAL A 17 8.41 15.05 -2.40
CA VAL A 17 9.05 13.76 -2.69
C VAL A 17 10.35 13.95 -3.48
N ASN A 18 10.29 14.87 -4.44
CA ASN A 18 11.45 15.22 -5.24
C ASN A 18 12.59 15.72 -4.37
N HIS A 19 12.30 16.74 -3.56
CA HIS A 19 13.28 17.31 -2.65
C HIS A 19 13.88 16.26 -1.74
N SER A 20 13.02 15.38 -1.22
CA SER A 20 13.42 14.35 -0.26
C SER A 20 14.44 13.37 -0.84
N ILE A 21 14.12 12.81 -2.00
CA ILE A 21 15.02 11.87 -2.65
C ILE A 21 16.32 12.54 -3.11
N ASN A 22 16.25 13.80 -3.53
CA ASN A 22 17.48 14.56 -3.86
C ASN A 22 18.40 14.71 -2.65
N GLU A 23 17.83 15.10 -1.50
CA GLU A 23 18.61 15.18 -0.28
C GLU A 23 19.27 13.84 0.07
N LEU A 24 18.46 12.78 0.06
CA LEU A 24 18.94 11.44 0.44
C LEU A 24 20.07 10.95 -0.47
N SER A 25 19.99 11.29 -1.76
CA SER A 25 21.02 10.93 -2.74
C SER A 25 22.41 11.38 -2.27
N HIS A 26 22.46 12.49 -1.54
CA HIS A 26 23.73 12.96 -0.96
C HIS A 26 24.13 12.32 0.37
N VAL A 27 23.20 11.63 1.03
CA VAL A 27 23.51 10.96 2.30
C VAL A 27 24.19 9.59 2.07
N GLN A 28 25.25 9.33 2.82
CA GLN A 28 25.87 8.01 2.83
C GLN A 28 24.92 7.04 3.57
N ILE A 29 24.55 5.94 2.90
CA ILE A 29 23.63 4.96 3.49
C ILE A 29 24.36 3.75 4.10
N PRO A 30 24.24 3.57 5.43
CA PRO A 30 24.86 2.39 6.06
C PRO A 30 23.94 1.16 5.98
N VAL A 31 24.43 -0.03 6.34
CA VAL A 31 23.57 -1.24 6.28
C VAL A 31 22.52 -1.23 7.39
N MET A 32 22.81 -0.49 8.46
CA MET A 32 21.94 -0.47 9.62
C MET A 32 21.31 0.87 9.93
N LEU A 33 20.12 0.79 10.52
CA LEU A 33 19.45 1.91 11.15
C LEU A 33 19.81 1.98 12.64
N MET A 34 19.86 3.20 13.17
CA MET A 34 20.10 3.43 14.59
C MET A 34 18.77 3.76 15.28
N PRO A 35 18.70 3.63 16.61
CA PRO A 35 17.40 3.90 17.24
C PRO A 35 16.87 5.30 16.94
N ASP A 36 17.77 6.27 16.85
CA ASP A 36 17.38 7.67 16.57
C ASP A 36 16.72 7.85 15.21
N ASP A 37 17.11 7.01 14.24
CA ASP A 37 16.51 7.05 12.91
C ASP A 37 15.00 6.87 12.94
N PHE A 38 14.50 6.23 14.00
CA PHE A 38 13.07 6.00 14.19
C PHE A 38 12.33 7.16 14.82
N LYS A 39 13.08 8.19 15.22
CA LYS A 39 12.50 9.34 15.91
C LYS A 39 12.73 10.62 15.10
N ALA A 40 13.25 10.44 13.89
CA ALA A 40 13.81 11.51 13.08
C ALA A 40 12.80 12.09 12.11
N TYR A 41 13.06 13.29 11.62
CA TYR A 41 12.26 13.91 10.56
C TYR A 41 13.02 15.04 9.89
N SER A 42 12.50 15.55 8.79
CA SER A 42 13.03 16.81 8.24
C SER A 42 11.87 17.65 7.77
N LYS A 43 11.88 18.92 8.20
CA LYS A 43 10.87 19.91 7.86
C LYS A 43 11.45 20.91 6.89
N ILE A 44 10.66 21.30 5.89
CA ILE A 44 11.02 22.40 5.03
C ILE A 44 9.81 23.33 4.88
N LYS A 45 10.02 24.59 5.27
CA LYS A 45 9.03 25.65 5.14
C LYS A 45 9.46 26.57 3.99
N VAL A 46 8.52 26.85 3.07
CA VAL A 46 8.79 27.65 1.87
C VAL A 46 7.88 28.86 1.82
N ASP A 47 8.49 30.04 1.72
CA ASP A 47 7.74 31.27 1.52
C ASP A 47 8.19 31.99 0.26
N ASN A 48 7.26 32.10 -0.68
CA ASN A 48 7.50 32.84 -1.91
C ASN A 48 6.68 34.11 -1.88
N HIS A 49 7.38 35.24 -1.88
CA HIS A 49 6.72 36.53 -1.96
C HIS A 49 6.86 37.07 -3.37
N LEU A 50 5.72 37.28 -4.04
CA LEU A 50 5.68 37.82 -5.42
C LEU A 50 6.60 37.06 -6.39
N PHE A 51 6.66 35.74 -6.23
CA PHE A 51 7.55 34.89 -7.02
C PHE A 51 6.97 33.51 -7.22
N ASN A 52 7.14 32.96 -8.42
CA ASN A 52 6.85 31.54 -8.72
C ASN A 52 5.37 31.13 -8.55
N LYS A 53 4.47 32.07 -8.82
CA LYS A 53 3.04 31.86 -8.57
C LYS A 53 2.38 30.78 -9.43
N GLU A 54 2.92 30.58 -10.64
CA GLU A 54 2.35 29.69 -11.63
C GLU A 54 2.41 28.20 -11.25
N ASN A 55 3.42 27.80 -10.50
CA ASN A 55 3.57 26.39 -10.15
C ASN A 55 3.21 26.09 -8.69
N MET A 56 4.09 26.51 -7.80
CA MET A 56 3.94 26.26 -6.37
C MET A 56 2.97 27.25 -5.73
N PRO A 57 2.30 26.82 -4.65
CA PRO A 57 1.68 27.77 -3.74
C PRO A 57 2.71 28.69 -3.12
N SER A 58 2.26 29.80 -2.53
CA SER A 58 3.16 30.80 -2.02
C SER A 58 3.74 30.41 -0.68
N HIS A 59 2.93 29.78 0.16
CA HIS A 59 3.37 29.36 1.48
C HIS A 59 2.98 27.92 1.71
N PHE A 60 3.98 27.07 1.81
CA PHE A 60 3.72 25.66 2.07
C PHE A 60 4.76 25.03 2.97
N LYS A 61 4.40 23.89 3.56
CA LYS A 61 5.31 23.12 4.39
C LYS A 61 5.37 21.67 3.92
N PHE A 62 6.50 21.04 4.14
CA PHE A 62 6.65 19.64 3.87
C PHE A 62 7.49 19.00 4.97
N LYS A 63 6.91 18.02 5.65
CA LYS A 63 7.62 17.23 6.68
C LYS A 63 7.69 15.77 6.26
N GLU A 64 8.88 15.19 6.30
CA GLU A 64 9.07 13.76 6.05
C GLU A 64 9.43 13.01 7.34
N TYR A 65 8.69 11.96 7.66
CA TYR A 65 8.97 11.21 8.87
C TYR A 65 10.04 10.15 8.60
N CYS A 66 10.98 10.04 9.53
CA CYS A 66 12.02 9.00 9.52
C CYS A 66 12.57 8.72 8.12
N PRO A 67 13.18 9.74 7.48
CA PRO A 67 13.63 9.50 6.10
C PRO A 67 14.57 8.30 5.97
N MET A 68 15.49 8.10 6.92
CA MET A 68 16.38 6.94 6.85
C MET A 68 15.65 5.60 6.91
N VAL A 69 14.56 5.51 7.68
CA VAL A 69 13.85 4.24 7.80
C VAL A 69 13.17 3.89 6.48
N PHE A 70 12.53 4.89 5.87
CA PHE A 70 11.81 4.65 4.66
C PHE A 70 12.74 4.45 3.46
N ARG A 71 13.92 5.10 3.50
CA ARG A 71 14.97 4.82 2.53
C ARG A 71 15.35 3.32 2.60
N ASN A 72 15.69 2.86 3.80
CA ASN A 72 16.02 1.46 4.06
C ASN A 72 14.90 0.50 3.57
N LEU A 73 13.65 0.80 3.94
CA LEU A 73 12.52 -0.01 3.49
C LEU A 73 12.40 -0.09 1.96
N ARG A 74 12.50 1.04 1.26
CA ARG A 74 12.37 1.03 -0.21
C ARG A 74 13.35 0.04 -0.79
N GLU A 75 14.64 0.21 -0.47
CA GLU A 75 15.63 -0.72 -0.96
C GLU A 75 15.31 -2.17 -0.59
N ARG A 76 14.80 -2.42 0.62
CA ARG A 76 14.49 -3.79 1.03
C ARG A 76 13.32 -4.39 0.24
N PHE A 77 12.46 -3.50 -0.28
CA PHE A 77 11.36 -3.91 -1.14
C PHE A 77 11.76 -3.86 -2.60
N GLY A 78 13.07 -3.70 -2.87
CA GLY A 78 13.63 -3.73 -4.22
C GLY A 78 13.20 -2.55 -5.07
N ILE A 79 12.95 -1.41 -4.43
CA ILE A 79 12.61 -0.18 -5.13
C ILE A 79 13.80 0.76 -5.05
N ASP A 80 14.22 1.27 -6.21
CA ASP A 80 15.33 2.19 -6.29
C ASP A 80 14.80 3.64 -6.13
N ASP A 81 15.52 4.43 -5.33
CA ASP A 81 15.11 5.81 -5.02
C ASP A 81 14.82 6.71 -6.22
N GLN A 82 15.68 6.62 -7.24
CA GLN A 82 15.51 7.37 -8.47
C GLN A 82 14.22 6.98 -9.22
N ASP A 83 13.97 5.67 -9.36
CA ASP A 83 12.70 5.20 -9.96
C ASP A 83 11.49 5.69 -9.15
N PHE A 84 11.60 5.62 -7.82
CA PHE A 84 10.51 6.01 -6.93
C PHE A 84 10.19 7.48 -7.13
N GLN A 85 11.23 8.31 -7.16
CA GLN A 85 11.11 9.74 -7.44
C GLN A 85 10.37 9.97 -8.76
N ASN A 86 10.87 9.35 -9.84
CA ASN A 86 10.25 9.47 -11.15
C ASN A 86 8.76 9.14 -11.10
N SER A 87 8.42 8.01 -10.49
CA SER A 87 7.02 7.56 -10.46
C SER A 87 6.10 8.59 -9.80
N LEU A 88 6.64 9.34 -8.85
CA LEU A 88 5.83 10.28 -8.10
C LEU A 88 5.88 11.71 -8.65
N THR A 89 6.87 11.99 -9.49
CA THR A 89 7.13 13.37 -9.90
C THR A 89 7.06 13.67 -11.42
N ARG A 90 7.40 12.70 -12.28
CA ARG A 90 7.43 12.93 -13.74
C ARG A 90 6.07 13.39 -14.29
N SER A 91 4.99 13.06 -13.58
CA SER A 91 3.66 13.49 -13.95
C SER A 91 2.77 13.28 -12.71
N ALA A 92 1.71 14.07 -12.62
CA ALA A 92 0.84 14.04 -11.44
C ALA A 92 0.23 12.66 -11.17
N PRO A 93 0.02 12.35 -9.88
CA PRO A 93 -0.83 11.24 -9.45
C PRO A 93 -2.32 11.45 -9.76
N LEU A 94 -3.02 10.39 -10.12
CA LEU A 94 -4.45 10.47 -10.43
C LEU A 94 -5.32 9.98 -9.27
N PRO A 95 -6.37 10.76 -8.91
CA PRO A 95 -7.37 10.46 -7.87
C PRO A 95 -8.35 9.34 -8.22
N ASN A 96 -9.51 9.34 -7.57
CA ASN A 96 -10.67 8.50 -7.92
C ASN A 96 -11.87 8.78 -7.00
N ARG A 105 -11.00 6.93 -0.99
CA ARG A 105 -10.29 8.09 -1.53
C ARG A 105 -8.77 7.95 -1.41
N PHE A 106 -8.14 7.61 -2.54
CA PHE A 106 -6.70 7.54 -2.63
C PHE A 106 -6.20 8.07 -3.97
N HIS A 107 -4.90 8.30 -4.09
CA HIS A 107 -4.32 8.58 -5.39
C HIS A 107 -3.43 7.43 -5.81
N THR A 108 -3.18 7.33 -7.10
CA THR A 108 -2.25 6.33 -7.58
C THR A 108 -1.24 7.02 -8.47
N SER A 109 0.02 6.61 -8.40
CA SER A 109 1.07 7.26 -9.17
C SER A 109 0.73 7.14 -10.66
N TYR A 110 1.23 8.07 -11.47
CA TYR A 110 0.83 8.10 -12.89
C TYR A 110 1.13 6.75 -13.56
N ASP A 111 2.20 6.08 -13.12
CA ASP A 111 2.60 4.80 -13.71
C ASP A 111 2.00 3.56 -12.99
N LYS A 112 1.02 3.83 -12.13
CA LYS A 112 0.21 2.80 -11.45
C LYS A 112 1.01 1.89 -10.48
N ARG A 113 2.23 2.31 -10.14
CA ARG A 113 3.08 1.52 -9.24
C ARG A 113 2.77 1.76 -7.76
N TYR A 114 2.40 2.98 -7.40
CA TYR A 114 2.25 3.34 -5.98
C TYR A 114 0.88 3.87 -5.63
N ILE A 115 0.50 3.68 -4.38
CA ILE A 115 -0.75 4.21 -3.86
C ILE A 115 -0.39 5.29 -2.85
N ILE A 116 -1.11 6.39 -2.90
CA ILE A 116 -0.94 7.51 -1.98
C ILE A 116 -2.25 7.76 -1.25
N LYS A 117 -2.30 7.40 0.03
CA LYS A 117 -3.51 7.48 0.84
C LYS A 117 -3.36 8.59 1.88
N THR A 118 -4.41 9.36 2.09
CA THR A 118 -4.44 10.37 3.14
C THR A 118 -4.77 9.67 4.45
N ILE A 119 -4.04 10.01 5.52
CA ILE A 119 -4.27 9.37 6.80
C ILE A 119 -4.39 10.43 7.88
N THR A 120 -4.80 10.01 9.07
CA THR A 120 -5.03 10.96 10.16
C THR A 120 -3.75 11.14 10.97
N SER A 121 -3.72 12.14 11.84
CA SER A 121 -2.57 12.24 12.72
C SER A 121 -2.55 11.05 13.69
N GLU A 122 -3.72 10.48 13.97
CA GLU A 122 -3.84 9.26 14.76
C GLU A 122 -3.07 8.13 14.09
N ASP A 123 -3.30 7.96 12.79
CA ASP A 123 -2.59 6.96 12.00
C ASP A 123 -1.08 7.18 12.01
N VAL A 124 -0.64 8.42 11.87
CA VAL A 124 0.79 8.75 11.87
C VAL A 124 1.42 8.36 13.21
N ALA A 125 0.70 8.60 14.29
CA ALA A 125 1.17 8.25 15.62
C ALA A 125 1.24 6.73 15.78
N GLU A 126 0.26 6.01 15.22
CA GLU A 126 0.27 4.56 15.25
C GLU A 126 1.43 4.02 14.40
N MET A 127 1.62 4.54 13.19
CA MET A 127 2.77 4.17 12.37
C MET A 127 4.07 4.33 13.13
N HIS A 128 4.23 5.48 13.77
CA HIS A 128 5.43 5.72 14.57
C HIS A 128 5.56 4.74 15.69
N ASN A 129 4.43 4.29 16.20
CA ASN A 129 4.44 3.39 17.31
C ASN A 129 4.91 1.99 16.89
N ILE A 130 4.53 1.56 15.69
CA ILE A 130 4.87 0.20 15.24
C ILE A 130 6.06 0.13 14.28
N LEU A 131 6.65 1.26 13.95
CA LEU A 131 7.63 1.30 12.86
C LEU A 131 8.87 0.44 13.10
N LYS A 132 9.40 0.42 14.31
CA LYS A 132 10.59 -0.37 14.60
C LYS A 132 10.26 -1.85 14.43
N LYS A 133 9.15 -2.28 15.04
CA LYS A 133 8.77 -3.69 15.00
C LYS A 133 8.44 -4.12 13.59
N TYR A 134 7.76 -3.23 12.84
CA TYR A 134 7.45 -3.44 11.43
C TYR A 134 8.75 -3.59 10.64
N HIS A 135 9.69 -2.68 10.87
CA HIS A 135 10.95 -2.75 10.17
C HIS A 135 11.65 -4.08 10.44
N GLN A 136 11.73 -4.46 11.72
CA GLN A 136 12.35 -5.71 12.16
C GLN A 136 11.68 -6.92 11.53
N TYR A 137 10.35 -6.88 11.46
CA TYR A 137 9.61 -7.91 10.75
C TYR A 137 10.06 -8.03 9.29
N ILE A 138 10.26 -6.89 8.61
CA ILE A 138 10.62 -6.90 7.19
C ILE A 138 12.03 -7.47 6.98
N VAL A 139 12.91 -7.23 7.95
CA VAL A 139 14.24 -7.81 7.98
C VAL A 139 14.14 -9.34 8.08
N GLU A 140 13.39 -9.84 9.05
CA GLU A 140 13.30 -11.29 9.28
C GLU A 140 12.77 -12.07 8.09
N CYS A 141 11.71 -11.57 7.46
CA CYS A 141 11.10 -12.28 6.33
C CYS A 141 11.76 -11.90 4.99
N HIS A 142 12.88 -11.18 5.08
CA HIS A 142 13.65 -10.72 3.92
C HIS A 142 12.77 -9.97 2.94
N GLY A 143 11.76 -9.27 3.43
CA GLY A 143 10.90 -8.45 2.59
C GLY A 143 9.85 -9.24 1.82
N ILE A 144 9.79 -10.55 2.07
CA ILE A 144 8.80 -11.41 1.46
C ILE A 144 7.62 -11.50 2.41
N THR A 145 6.60 -10.67 2.14
CA THR A 145 5.41 -10.55 3.01
C THR A 145 4.17 -10.10 2.24
N LEU A 146 3.00 -10.31 2.81
CA LEU A 146 1.78 -9.78 2.21
C LEU A 146 1.29 -8.50 2.91
N LEU A 147 2.06 -8.03 3.88
CA LEU A 147 1.76 -6.77 4.56
C LEU A 147 1.82 -5.58 3.61
N PRO A 148 1.15 -4.47 3.96
CA PRO A 148 1.41 -3.21 3.24
C PRO A 148 2.91 -2.89 3.22
N GLN A 149 3.43 -2.55 2.05
CA GLN A 149 4.79 -2.07 1.94
C GLN A 149 4.75 -0.56 2.10
N PHE A 150 5.23 -0.06 3.24
CA PHE A 150 5.23 1.39 3.49
C PHE A 150 6.50 2.03 2.97
N LEU A 151 6.34 3.00 2.05
CA LEU A 151 7.52 3.52 1.32
C LEU A 151 7.92 4.94 1.70
N GLY A 152 7.03 5.64 2.40
CA GLY A 152 7.23 7.03 2.74
C GLY A 152 6.03 7.55 3.49
N MET A 153 6.26 8.52 4.37
CA MET A 153 5.21 9.12 5.17
C MET A 153 5.49 10.60 5.34
N TYR A 154 4.52 11.44 5.00
CA TYR A 154 4.70 12.90 4.93
C TYR A 154 3.59 13.75 5.56
N ARG A 155 3.95 14.97 5.94
CA ARG A 155 2.96 15.97 6.29
C ARG A 155 3.00 17.14 5.31
N LEU A 156 1.84 17.54 4.80
CA LEU A 156 1.76 18.67 3.88
C LEU A 156 0.97 19.81 4.50
N ASN A 157 1.48 21.04 4.34
CA ASN A 157 0.71 22.23 4.73
C ASN A 157 0.65 23.20 3.58
N VAL A 158 -0.57 23.55 3.17
CA VAL A 158 -0.74 24.61 2.18
C VAL A 158 -1.72 25.62 2.75
N ASP A 159 -1.18 26.81 3.09
CA ASP A 159 -1.95 27.95 3.62
C ASP A 159 -3.22 27.56 4.41
N GLY A 160 -3.03 27.01 5.61
CA GLY A 160 -4.16 26.69 6.47
C GLY A 160 -4.50 25.21 6.58
N VAL A 161 -4.56 24.52 5.43
CA VAL A 161 -4.88 23.10 5.42
C VAL A 161 -3.65 22.19 5.64
N GLU A 162 -3.81 21.16 6.46
CA GLU A 162 -2.74 20.25 6.82
C GLU A 162 -3.19 18.81 6.61
N ILE A 163 -2.52 18.09 5.71
CA ILE A 163 -2.83 16.67 5.52
C ILE A 163 -1.63 15.74 5.71
N TYR A 164 -1.90 14.51 6.12
CA TYR A 164 -0.86 13.51 6.29
C TYR A 164 -1.02 12.45 5.20
N VAL A 165 0.07 12.06 4.56
CA VAL A 165 -0.07 10.97 3.58
C VAL A 165 0.94 9.86 3.80
N ILE A 166 0.52 8.65 3.39
CA ILE A 166 1.43 7.52 3.37
C ILE A 166 1.48 6.96 1.95
N VAL A 167 2.64 6.44 1.56
CA VAL A 167 2.84 5.84 0.24
C VAL A 167 3.09 4.33 0.38
N THR A 168 2.38 3.53 -0.42
CA THR A 168 2.58 2.06 -0.43
C THR A 168 2.73 1.54 -1.85
N ARG A 169 3.22 0.31 -1.97
CA ARG A 169 3.17 -0.41 -3.26
C ARG A 169 1.75 -0.81 -3.57
N ASN A 170 1.38 -0.67 -4.84
CA ASN A 170 0.07 -1.05 -5.32
C ASN A 170 -0.02 -2.57 -5.26
N VAL A 171 -1.11 -3.11 -4.70
CA VAL A 171 -1.35 -4.56 -4.72
C VAL A 171 -1.59 -5.07 -6.15
N PHE A 172 -2.36 -4.29 -6.92
CA PHE A 172 -2.62 -4.63 -8.31
C PHE A 172 -1.42 -4.38 -9.21
N SER A 173 -1.49 -4.96 -10.40
CA SER A 173 -0.45 -4.89 -11.42
C SER A 173 -0.39 -3.50 -12.03
N HIS A 174 0.80 -3.07 -12.41
CA HIS A 174 0.93 -1.78 -13.08
C HIS A 174 0.65 -1.88 -14.57
N ARG A 175 0.74 -3.08 -15.13
CA ARG A 175 0.41 -3.32 -16.53
C ARG A 175 -0.97 -3.95 -16.69
N LEU A 176 -1.13 -5.16 -16.12
CA LEU A 176 -2.33 -5.97 -16.33
C LEU A 176 -3.52 -5.45 -15.55
N SER A 177 -4.60 -5.14 -16.27
CA SER A 177 -5.81 -4.58 -15.69
C SER A 177 -6.56 -5.60 -14.84
N VAL A 178 -7.43 -5.10 -13.96
CA VAL A 178 -8.18 -5.93 -13.04
C VAL A 178 -9.66 -5.69 -13.32
N TYR A 179 -10.40 -6.75 -13.62
CA TYR A 179 -11.84 -6.63 -13.89
C TYR A 179 -12.71 -6.94 -12.66
N ARG A 180 -12.12 -7.50 -11.61
CA ARG A 180 -12.89 -7.78 -10.38
C ARG A 180 -12.04 -7.63 -9.12
N LYS A 181 -12.57 -6.92 -8.13
CA LYS A 181 -11.87 -6.68 -6.87
C LYS A 181 -12.71 -7.19 -5.73
N TYR A 182 -12.07 -7.82 -4.77
CA TYR A 182 -12.74 -8.14 -3.52
C TYR A 182 -11.97 -7.51 -2.36
N ASP A 183 -12.68 -7.32 -1.26
CA ASP A 183 -12.14 -6.74 -0.05
C ASP A 183 -12.73 -7.68 0.97
N LEU A 184 -11.89 -8.57 1.49
CA LEU A 184 -12.37 -9.62 2.38
C LEU A 184 -11.81 -9.41 3.78
N LYS A 185 -12.66 -9.53 4.79
CA LYS A 185 -12.27 -9.39 6.19
C LYS A 185 -12.57 -10.67 6.91
N GLY A 186 -13.50 -11.44 6.34
CA GLY A 186 -13.96 -12.70 6.94
C GLY A 186 -14.71 -12.50 8.24
N SER A 187 -15.54 -11.46 8.29
CA SER A 187 -16.26 -11.10 9.52
C SER A 187 -17.59 -11.85 9.70
N THR A 188 -18.05 -11.94 10.95
CA THR A 188 -19.32 -12.60 11.29
C THR A 188 -20.50 -11.71 10.89
N VAL A 189 -20.37 -10.40 11.11
CA VAL A 189 -21.36 -9.44 10.63
C VAL A 189 -21.34 -9.43 9.11
N ALA A 190 -22.52 -9.28 8.50
CA ALA A 190 -22.66 -9.37 7.05
C ALA A 190 -21.93 -8.24 6.32
N ARG A 191 -21.28 -8.59 5.21
CA ARG A 191 -20.63 -7.60 4.34
C ARG A 191 -21.04 -7.83 2.88
N GLU A 192 -21.57 -6.78 2.24
CA GLU A 192 -21.96 -6.84 0.83
C GLU A 192 -21.71 -5.49 0.16
N ALA A 193 -21.39 -5.50 -1.13
CA ALA A 193 -21.03 -4.27 -1.84
C ALA A 193 -22.20 -3.32 -2.11
N SER A 194 -21.88 -2.07 -2.45
CA SER A 194 -22.86 -1.03 -2.73
C SER A 194 -23.38 -1.07 -4.15
N ASP A 195 -24.65 -0.69 -4.30
CA ASP A 195 -25.30 -0.59 -5.60
C ASP A 195 -24.76 0.65 -6.33
N LYS A 196 -24.50 1.72 -5.57
CA LYS A 196 -23.91 2.95 -6.09
C LYS A 196 -22.50 2.69 -6.65
N GLU A 197 -21.70 1.90 -5.93
CA GLU A 197 -20.35 1.48 -6.37
C GLU A 197 -20.41 0.51 -7.57
N LYS A 198 -21.37 -0.43 -7.54
CA LYS A 198 -21.61 -1.37 -8.65
C LYS A 198 -21.67 -0.70 -10.02
N ALA A 199 -22.28 0.48 -10.06
CA ALA A 199 -22.36 1.33 -11.27
C ALA A 199 -20.99 1.75 -11.83
N LYS A 200 -19.99 1.90 -10.97
CA LYS A 200 -18.62 2.26 -11.38
C LYS A 200 -17.93 1.10 -12.12
N GLU A 201 -17.03 1.46 -13.04
CA GLU A 201 -16.35 0.49 -13.93
C GLU A 201 -15.89 -0.78 -13.20
N LEU A 202 -15.16 -0.61 -12.11
CA LEU A 202 -14.75 -1.71 -11.24
C LEU A 202 -15.25 -1.48 -9.81
N PRO A 203 -16.40 -2.09 -9.46
CA PRO A 203 -16.93 -2.08 -8.08
C PRO A 203 -15.97 -2.69 -7.06
N THR A 204 -16.30 -2.58 -5.78
CA THR A 204 -15.49 -3.16 -4.68
C THR A 204 -16.34 -4.17 -3.90
N LEU A 205 -16.36 -5.39 -4.40
CA LEU A 205 -17.14 -6.48 -3.81
C LEU A 205 -16.58 -6.87 -2.44
N LYS A 206 -17.37 -7.57 -1.63
CA LYS A 206 -16.98 -7.89 -0.23
C LYS A 206 -17.31 -9.35 0.11
N ASP A 207 -17.16 -9.75 1.38
CA ASP A 207 -17.23 -11.17 1.79
C ASP A 207 -18.37 -12.01 1.21
N ASN A 208 -19.54 -11.41 1.01
CA ASN A 208 -20.71 -12.18 0.61
C ASN A 208 -20.92 -12.17 -0.91
N ASP A 209 -20.53 -11.09 -1.57
CA ASP A 209 -20.39 -11.10 -3.04
C ASP A 209 -19.48 -12.23 -3.52
N PHE A 210 -18.63 -12.71 -2.61
CA PHE A 210 -17.73 -13.82 -2.88
C PHE A 210 -18.44 -15.12 -2.51
N ILE A 211 -18.77 -15.24 -1.23
CA ILE A 211 -19.43 -16.42 -0.68
C ILE A 211 -20.75 -16.73 -1.37
N ASN A 212 -21.41 -15.71 -1.92
CA ASN A 212 -22.67 -15.90 -2.67
C ASN A 212 -22.43 -16.31 -4.12
N GLU A 213 -21.80 -15.44 -4.91
CA GLU A 213 -21.71 -15.69 -6.36
C GLU A 213 -20.60 -16.68 -6.81
N GLY A 214 -20.34 -17.66 -5.94
CA GLY A 214 -19.52 -18.84 -6.24
C GLY A 214 -18.12 -18.63 -6.79
N GLN A 215 -17.51 -17.50 -6.44
CA GLN A 215 -16.20 -17.12 -6.95
C GLN A 215 -15.11 -18.11 -6.53
N LYS A 216 -14.34 -18.56 -7.52
CA LYS A 216 -13.23 -19.47 -7.25
C LYS A 216 -11.88 -18.84 -7.61
N ILE A 217 -10.86 -19.17 -6.82
CA ILE A 217 -9.48 -18.77 -7.11
C ILE A 217 -8.70 -20.02 -7.44
N TYR A 218 -8.43 -20.21 -8.74
CA TYR A 218 -7.74 -21.42 -9.22
C TYR A 218 -6.22 -21.32 -9.20
N ILE A 219 -5.63 -21.56 -8.02
CA ILE A 219 -4.18 -21.68 -7.90
C ILE A 219 -3.79 -23.10 -7.47
N ASP A 220 -2.59 -23.54 -7.85
CA ASP A 220 -2.13 -24.89 -7.51
C ASP A 220 -1.78 -25.05 -6.03
N ASP A 221 -1.70 -26.30 -5.57
CA ASP A 221 -1.54 -26.61 -4.14
C ASP A 221 -0.26 -26.07 -3.54
N ASN A 222 0.75 -25.83 -4.39
CA ASN A 222 1.98 -25.23 -3.91
C ASN A 222 1.81 -23.71 -3.66
N ASN A 223 1.44 -22.98 -4.71
CA ASN A 223 1.18 -21.54 -4.58
C ASN A 223 0.26 -21.22 -3.39
N LYS A 224 -0.77 -22.05 -3.18
CA LYS A 224 -1.69 -21.91 -2.05
C LYS A 224 -0.99 -22.13 -0.72
N LYS A 225 -0.09 -23.11 -0.65
CA LYS A 225 0.63 -23.45 0.59
C LYS A 225 1.56 -22.32 1.01
N VAL A 226 2.34 -21.83 0.06
CA VAL A 226 3.21 -20.67 0.26
C VAL A 226 2.37 -19.49 0.78
N PHE A 227 1.36 -19.08 0.00
CA PHE A 227 0.51 -17.94 0.33
C PHE A 227 -0.04 -18.01 1.77
N LEU A 228 -0.66 -19.13 2.12
CA LEU A 228 -1.28 -19.25 3.43
C LEU A 228 -0.24 -19.23 4.53
N GLU A 229 0.93 -19.81 4.28
CA GLU A 229 2.02 -19.79 5.26
C GLU A 229 2.45 -18.34 5.51
N LYS A 230 2.67 -17.59 4.41
CA LYS A 230 2.94 -16.15 4.48
C LYS A 230 1.83 -15.43 5.26
N LEU A 231 0.60 -15.57 4.78
CA LEU A 231 -0.55 -14.92 5.41
C LEU A 231 -0.60 -15.17 6.92
N LYS A 232 -0.31 -16.40 7.33
CA LYS A 232 -0.32 -16.80 8.74
C LYS A 232 0.64 -15.95 9.57
N LYS A 233 1.90 -15.87 9.15
CA LYS A 233 2.91 -15.11 9.88
C LYS A 233 2.56 -13.61 9.92
N ASP A 234 2.21 -13.05 8.76
CA ASP A 234 1.84 -11.65 8.66
C ASP A 234 0.74 -11.30 9.65
N VAL A 235 -0.31 -12.12 9.64
CA VAL A 235 -1.50 -11.84 10.42
C VAL A 235 -1.26 -11.98 11.94
N GLU A 236 -0.51 -13.01 12.33
CA GLU A 236 -0.07 -13.16 13.71
C GLU A 236 0.74 -11.94 14.19
N PHE A 237 1.64 -11.46 13.34
CA PHE A 237 2.39 -10.25 13.63
C PHE A 237 1.44 -9.08 13.88
N LEU A 238 0.44 -8.95 13.01
CA LEU A 238 -0.52 -7.85 13.13
C LEU A 238 -1.33 -7.91 14.41
N ALA A 239 -1.77 -9.11 14.78
CA ALA A 239 -2.55 -9.32 15.99
C ALA A 239 -1.69 -8.99 17.22
N GLN A 240 -0.45 -9.46 17.20
CA GLN A 240 0.48 -9.24 18.28
C GLN A 240 0.78 -7.75 18.50
N LEU A 241 0.46 -6.93 17.51
CA LEU A 241 0.61 -5.48 17.64
C LEU A 241 -0.70 -4.81 18.02
N LYS A 242 -1.71 -5.63 18.34
CA LYS A 242 -3.09 -5.19 18.63
C LYS A 242 -3.71 -4.44 17.45
N LEU A 243 -3.37 -4.88 16.23
CA LEU A 243 -3.96 -4.28 15.04
C LEU A 243 -5.05 -5.19 14.53
N MET A 244 -6.12 -4.58 14.02
CA MET A 244 -7.23 -5.32 13.44
C MET A 244 -7.96 -4.48 12.38
N ASP A 245 -9.02 -5.05 11.83
CA ASP A 245 -9.88 -4.39 10.83
C ASP A 245 -9.21 -4.25 9.46
N TYR A 246 -8.20 -5.07 9.23
CA TYR A 246 -7.52 -5.12 7.93
C TYR A 246 -8.25 -6.07 6.98
N SER A 247 -7.95 -5.94 5.70
CA SER A 247 -8.60 -6.75 4.69
C SER A 247 -7.59 -7.44 3.76
N LEU A 248 -8.05 -8.48 3.08
CA LEU A 248 -7.30 -9.04 1.95
C LEU A 248 -7.85 -8.43 0.69
N LEU A 249 -7.01 -7.71 -0.04
CA LEU A 249 -7.45 -7.16 -1.29
C LEU A 249 -7.18 -8.19 -2.35
N VAL A 250 -8.22 -8.53 -3.13
CA VAL A 250 -8.13 -9.57 -4.16
C VAL A 250 -8.48 -9.02 -5.53
N GLY A 251 -7.55 -9.16 -6.48
CA GLY A 251 -7.75 -8.62 -7.81
C GLY A 251 -7.58 -9.67 -8.87
N ILE A 252 -8.55 -9.76 -9.77
CA ILE A 252 -8.54 -10.76 -10.83
C ILE A 252 -8.32 -10.12 -12.19
N HIS A 253 -7.25 -10.52 -12.86
CA HIS A 253 -6.95 -10.09 -14.22
C HIS A 253 -7.35 -11.19 -15.21
N ASP A 254 -8.27 -10.87 -16.12
CA ASP A 254 -8.70 -11.86 -17.12
C ASP A 254 -7.87 -11.72 -18.40
N VAL A 255 -6.95 -12.64 -18.59
CA VAL A 255 -6.05 -12.64 -19.75
C VAL A 255 -6.84 -12.56 -21.07
N GLU A 256 -7.93 -13.34 -21.14
CA GLU A 256 -8.78 -13.38 -22.34
C GLU A 256 -9.86 -12.27 -22.37
N ARG A 257 -9.44 -11.04 -22.07
CA ARG A 257 -10.26 -9.84 -22.26
C ARG A 257 -9.35 -8.69 -22.72
N ALA A 258 -8.50 -8.22 -21.81
CA ALA A 258 -7.55 -7.15 -22.09
C ALA A 258 -6.26 -7.68 -22.71
N GLY A 302 -1.13 -11.94 -20.85
CA GLY A 302 -1.21 -11.88 -19.38
C GLY A 302 -0.02 -12.51 -18.67
N GLU A 303 1.20 -12.17 -19.11
CA GLU A 303 2.44 -12.56 -18.41
C GLU A 303 3.01 -11.34 -17.68
N PHE A 304 3.17 -11.47 -16.36
CA PHE A 304 3.61 -10.33 -15.53
C PHE A 304 5.06 -10.44 -15.08
N ASP A 305 5.60 -9.31 -14.63
CA ASP A 305 6.92 -9.24 -13.98
C ASP A 305 6.74 -9.44 -12.47
N PRO A 306 7.16 -10.62 -11.94
CA PRO A 306 6.93 -10.88 -10.52
C PRO A 306 7.87 -10.04 -9.65
N ASN A 307 8.73 -9.25 -10.29
CA ASN A 307 9.64 -8.35 -9.59
C ASN A 307 9.12 -6.91 -9.55
N ILE A 308 8.05 -6.64 -10.31
CA ILE A 308 7.29 -5.38 -10.18
C ILE A 308 5.88 -5.64 -9.65
N ASP A 309 5.20 -6.64 -10.22
CA ASP A 309 3.88 -7.08 -9.76
C ASP A 309 4.07 -8.21 -8.76
N VAL A 310 4.58 -7.85 -7.60
CA VAL A 310 5.10 -8.82 -6.64
C VAL A 310 4.00 -9.66 -6.02
N TYR A 311 2.76 -9.23 -6.15
CA TYR A 311 1.64 -9.91 -5.51
C TYR A 311 0.88 -10.86 -6.47
N GLY A 312 1.37 -10.97 -7.70
CA GLY A 312 0.78 -11.84 -8.69
C GLY A 312 0.96 -13.32 -8.41
N ILE A 313 -0.11 -14.08 -8.67
CA ILE A 313 -0.04 -15.53 -8.75
C ILE A 313 -0.81 -15.97 -9.99
N LYS A 314 -0.12 -16.69 -10.89
CA LYS A 314 -0.74 -17.28 -12.09
C LYS A 314 -1.70 -18.38 -11.67
N CYS A 315 -2.76 -18.57 -12.45
CA CYS A 315 -3.69 -19.67 -12.21
C CYS A 315 -3.05 -21.01 -12.61
N HIS A 316 -3.54 -22.10 -12.02
CA HIS A 316 -3.04 -23.42 -12.42
C HIS A 316 -3.53 -23.80 -13.83
N GLU A 317 -2.95 -24.85 -14.42
CA GLU A 317 -3.20 -25.26 -15.83
C GLU A 317 -4.64 -25.64 -16.19
N ASN A 318 -5.42 -26.08 -15.21
CA ASN A 318 -6.77 -26.55 -15.49
C ASN A 318 -7.83 -25.51 -15.21
N SER A 319 -7.41 -24.28 -14.99
CA SER A 319 -8.33 -23.19 -14.66
C SER A 319 -9.29 -22.91 -15.81
N PRO A 320 -10.60 -22.75 -15.50
CA PRO A 320 -11.60 -22.48 -16.53
C PRO A 320 -11.24 -21.29 -17.42
N ARG A 321 -10.73 -20.22 -16.85
CA ARG A 321 -10.23 -19.11 -17.68
C ARG A 321 -8.80 -18.76 -17.33
N LYS A 322 -8.08 -18.17 -18.29
CA LYS A 322 -6.70 -17.69 -18.07
C LYS A 322 -6.74 -16.47 -17.13
N GLU A 323 -6.35 -16.70 -15.87
CA GLU A 323 -6.45 -15.67 -14.83
C GLU A 323 -5.13 -15.42 -14.11
N VAL A 324 -4.94 -14.18 -13.68
CA VAL A 324 -3.85 -13.83 -12.75
C VAL A 324 -4.47 -13.21 -11.50
N TYR A 325 -3.96 -13.58 -10.31
CA TYR A 325 -4.52 -13.09 -9.06
C TYR A 325 -3.55 -12.20 -8.33
N PHE A 326 -4.08 -11.12 -7.76
CA PHE A 326 -3.29 -10.18 -7.01
C PHE A 326 -3.88 -10.03 -5.63
N MET A 327 -3.13 -10.51 -4.64
CA MET A 327 -3.65 -10.61 -3.29
C MET A 327 -2.59 -10.18 -2.27
N ALA A 328 -2.99 -9.33 -1.33
CA ALA A 328 -2.16 -8.83 -0.24
C ALA A 328 -3.04 -8.19 0.85
N ILE A 329 -2.45 -7.89 2.00
CA ILE A 329 -3.17 -7.23 3.08
C ILE A 329 -3.14 -5.70 2.94
N ILE A 330 -4.26 -5.08 3.28
CA ILE A 330 -4.40 -3.63 3.21
C ILE A 330 -5.10 -3.17 4.48
N ASP A 331 -4.92 -1.90 4.81
CA ASP A 331 -5.63 -1.19 5.91
C ASP A 331 -5.32 -1.72 7.30
N ILE A 332 -4.07 -1.61 7.71
CA ILE A 332 -3.70 -2.22 8.98
C ILE A 332 -3.70 -1.28 10.17
N LEU A 333 -3.86 0.03 9.93
CA LEU A 333 -3.54 1.05 10.93
C LEU A 333 -4.58 1.37 12.02
N THR A 334 -5.75 0.75 11.95
CA THR A 334 -6.69 0.94 13.07
C THR A 334 -6.26 0.10 14.27
N HIS A 335 -6.09 0.78 15.41
CA HIS A 335 -5.79 0.14 16.68
C HIS A 335 -7.08 0.09 17.55
N VAL A 360 -14.73 -9.85 18.94
CA VAL A 360 -14.65 -8.39 18.77
C VAL A 360 -13.21 -7.86 18.89
N ASN A 361 -12.29 -8.70 19.40
CA ASN A 361 -10.92 -8.26 19.74
C ASN A 361 -9.87 -8.55 18.63
N PRO A 362 -8.64 -8.01 18.77
CA PRO A 362 -7.58 -8.28 17.79
C PRO A 362 -7.23 -9.76 17.65
N GLU A 363 -7.02 -10.44 18.78
CA GLU A 363 -6.58 -11.83 18.79
C GLU A 363 -7.42 -12.78 17.93
N GLN A 364 -8.72 -12.81 18.18
CA GLN A 364 -9.58 -13.72 17.45
C GLN A 364 -9.85 -13.20 16.03
N TYR A 365 -9.85 -11.87 15.84
CA TYR A 365 -10.07 -11.26 14.52
C TYR A 365 -9.13 -11.85 13.47
N SER A 366 -7.88 -12.07 13.87
CA SER A 366 -6.88 -12.64 12.99
C SER A 366 -7.22 -14.10 12.64
N LYS A 367 -7.56 -14.90 13.65
CA LYS A 367 -7.96 -16.31 13.45
C LYS A 367 -9.20 -16.41 12.55
N ARG A 368 -10.16 -15.54 12.82
CA ARG A 368 -11.39 -15.43 12.05
C ARG A 368 -11.11 -14.99 10.60
N PHE A 369 -10.08 -14.16 10.42
CA PHE A 369 -9.59 -13.71 9.10
C PHE A 369 -8.91 -14.89 8.37
N LEU A 370 -8.08 -15.64 9.11
CA LEU A 370 -7.34 -16.77 8.56
C LEU A 370 -8.22 -17.97 8.22
N ASP A 371 -9.26 -18.19 9.01
CA ASP A 371 -10.24 -19.24 8.74
C ASP A 371 -10.90 -18.97 7.40
N PHE A 372 -11.38 -17.75 7.24
CA PHE A 372 -12.07 -17.36 6.03
C PHE A 372 -11.24 -17.56 4.76
N ILE A 373 -10.00 -17.08 4.77
CA ILE A 373 -9.18 -17.10 3.54
C ILE A 373 -8.81 -18.53 3.15
N GLY A 374 -8.65 -19.39 4.15
CA GLY A 374 -8.43 -20.81 3.92
C GLY A 374 -9.58 -21.43 3.16
N HIS A 375 -10.81 -21.10 3.56
CA HIS A 375 -12.04 -21.66 2.98
C HIS A 375 -12.29 -21.22 1.54
N ILE A 376 -11.85 -20.02 1.18
CA ILE A 376 -12.19 -19.43 -0.12
C ILE A 376 -11.15 -19.71 -1.19
N LEU A 377 -10.03 -20.30 -0.79
CA LEU A 377 -8.93 -20.49 -1.70
C LEU A 377 -8.76 -21.98 -1.98
#